data_5L3Y
#
_entry.id   5L3Y
#
_cell.length_a   57.770
_cell.length_b   57.770
_cell.length_c   183.260
_cell.angle_alpha   90.00
_cell.angle_beta   90.00
_cell.angle_gamma   90.00
#
_symmetry.space_group_name_H-M   'I 41 2 2'
#
loop_
_entity.id
_entity.type
_entity.pdbx_description
1 polymer Streptavidin
2 non-polymer [CuII(biot-et-dpea)]2+
3 water water
#
_entity_poly.entity_id   1
_entity_poly.type   'polypeptide(L)'
_entity_poly.pdbx_seq_one_letter_code
;MASMTGGQQMGRDEAGITGTWYNQLGSTFIVTAGADGALTGTYESAVGNAESRYVLTGRYDSAPATDGSGTALGWTVAWK
NNYRNAHSATTWSGQYVGGAEARINTQWLLTCGTTEANAWKSTLVGHDTFTKVKPSAASIDAAKKAGVNNGNPLDAVQQ
;
_entity_poly.pdbx_strand_id   A
#
loop_
_chem_comp.id
_chem_comp.type
_chem_comp.name
_chem_comp.formula
CU6 non-polymer [CuII(biot-et-dpea)]2+ 'C26 H36 Cu N6 O4 S'
#
# COMPACT_ATOMS: atom_id res chain seq x y z
N ARG A 12 14.00 -8.25 11.52
CA ARG A 12 13.66 -6.86 11.12
C ARG A 12 13.98 -6.57 9.65
N ASP A 13 12.99 -5.99 8.97
CA ASP A 13 12.87 -6.05 7.51
C ASP A 13 12.90 -4.72 6.92
N GLU A 14 13.65 -3.80 7.56
CA GLU A 14 13.75 -2.44 7.04
C GLU A 14 14.31 -2.49 5.59
N ALA A 15 15.30 -3.36 5.48
CA ALA A 15 16.04 -3.55 4.23
C ALA A 15 15.21 -4.26 3.16
N GLY A 16 14.54 -5.36 3.61
CA GLY A 16 13.60 -6.21 2.85
C GLY A 16 12.45 -5.38 2.22
N ILE A 17 11.88 -4.44 3.03
CA ILE A 17 10.76 -3.64 2.58
C ILE A 17 11.06 -2.52 1.68
N THR A 18 12.13 -1.79 2.00
CA THR A 18 12.52 -0.62 1.29
C THR A 18 12.81 -0.95 -0.15
N GLY A 19 12.26 -0.14 -1.05
CA GLY A 19 12.46 -0.38 -2.44
C GLY A 19 11.16 -0.20 -3.27
N THR A 20 11.18 -0.80 -4.45
CA THR A 20 10.20 -0.59 -5.51
C THR A 20 9.49 -1.94 -5.63
N TRP A 21 8.17 -1.86 -5.52
CA TRP A 21 7.26 -3.01 -5.62
C TRP A 21 6.18 -2.85 -6.63
N TYR A 22 5.75 -3.98 -7.24
CA TYR A 22 4.81 -3.96 -8.39
C TYR A 22 3.67 -4.93 -8.03
N ASN A 23 2.44 -4.55 -8.31
CA ASN A 23 1.33 -5.45 -8.00
C ASN A 23 0.81 -6.12 -9.27
N GLN A 24 -0.27 -6.87 -9.14
CA GLN A 24 -0.82 -7.69 -10.26
C GLN A 24 -1.57 -6.80 -11.31
N LEU A 25 -1.83 -5.55 -10.98
CA LEU A 25 -2.52 -4.61 -11.87
C LEU A 25 -1.55 -3.80 -12.66
N GLY A 26 -0.25 -3.96 -12.34
CA GLY A 26 0.78 -3.15 -12.93
C GLY A 26 1.04 -1.85 -12.20
N SER A 27 0.52 -1.69 -10.99
CA SER A 27 0.83 -0.52 -10.14
C SER A 27 2.26 -0.58 -9.57
N THR A 28 2.83 0.56 -9.21
CA THR A 28 4.23 0.68 -8.60
C THR A 28 4.18 1.41 -7.26
N PHE A 29 4.75 0.78 -6.26
CA PHE A 29 4.69 1.28 -4.89
C PHE A 29 6.24 1.39 -4.61
N ILE A 30 6.70 2.59 -4.29
CA ILE A 30 8.04 2.90 -3.91
C ILE A 30 8.03 3.33 -2.46
N VAL A 31 8.78 2.63 -1.61
CA VAL A 31 8.69 2.84 -0.18
C VAL A 31 10.04 2.85 0.51
N THR A 32 10.16 3.71 1.52
CA THR A 32 11.25 3.58 2.50
C THR A 32 10.73 3.19 3.85
N ALA A 33 11.35 2.14 4.44
CA ALA A 33 11.00 1.77 5.79
C ALA A 33 12.01 2.30 6.78
N GLY A 34 11.53 3.03 7.80
CA GLY A 34 12.39 3.69 8.82
C GLY A 34 12.69 2.62 9.93
N ALA A 35 13.74 2.83 10.72
CA ALA A 35 14.12 1.92 11.86
C ALA A 35 13.03 1.77 12.95
N ASP A 36 12.27 2.83 13.11
CA ASP A 36 11.18 3.11 14.08
C ASP A 36 9.84 2.43 13.67
N GLY A 37 9.62 2.05 12.42
CA GLY A 37 8.31 1.54 12.06
C GLY A 37 7.73 2.37 10.96
N ALA A 38 8.34 3.49 10.59
CA ALA A 38 7.70 4.39 9.52
C ALA A 38 7.70 3.76 8.14
N LEU A 39 6.70 4.08 7.30
CA LEU A 39 6.73 3.82 5.85
C LEU A 39 6.38 5.08 5.15
N THR A 40 7.20 5.42 4.18
CA THR A 40 6.99 6.67 3.40
C THR A 40 7.28 6.36 1.96
N GLY A 41 6.62 7.08 1.01
CA GLY A 41 6.88 6.76 -0.31
C GLY A 41 5.95 7.42 -1.27
N THR A 42 5.80 6.73 -2.40
CA THR A 42 4.91 7.15 -3.47
C THR A 42 4.23 5.90 -4.10
N TYR A 43 3.01 6.10 -4.61
CA TYR A 43 2.20 5.07 -5.24
C TYR A 43 1.80 5.63 -6.56
N GLU A 44 1.86 4.77 -7.59
CA GLU A 44 1.35 5.10 -8.94
C GLU A 44 0.41 3.94 -9.34
N SER A 45 -0.86 4.26 -9.47
CA SER A 45 -1.83 3.26 -9.89
C SER A 45 -1.96 3.04 -11.36
N ALA A 46 -1.93 1.76 -11.81
CA ALA A 46 -2.22 1.40 -13.23
C ALA A 46 -3.68 1.55 -13.64
N VAL A 47 -4.56 1.64 -12.67
CA VAL A 47 -6.03 1.75 -12.94
C VAL A 47 -6.68 2.87 -12.13
N GLY A 48 -7.92 3.19 -12.55
CA GLY A 48 -8.75 4.07 -11.81
C GLY A 48 -8.50 5.53 -12.15
N ASN A 49 -9.03 6.44 -11.33
CA ASN A 49 -9.02 7.87 -11.55
C ASN A 49 -7.71 8.42 -10.87
N ALA A 50 -6.60 8.17 -11.56
CA ALA A 50 -5.28 8.37 -11.03
C ALA A 50 -4.30 8.60 -12.15
N GLU A 51 -3.36 9.49 -11.93
CA GLU A 51 -2.20 9.66 -12.82
C GLU A 51 -1.00 10.17 -12.00
N SER A 52 0.15 9.59 -12.34
CA SER A 52 1.45 9.99 -11.85
C SER A 52 1.58 9.43 -10.39
N ARG A 53 2.40 10.07 -9.53
CA ARG A 53 2.68 9.61 -8.20
C ARG A 53 1.79 10.24 -7.13
N TYR A 54 1.48 9.53 -6.06
CA TYR A 54 0.72 10.08 -4.95
C TYR A 54 1.50 9.70 -3.70
N VAL A 55 1.48 10.62 -2.73
CA VAL A 55 2.11 10.39 -1.46
C VAL A 55 1.52 9.26 -0.72
N LEU A 56 2.34 8.48 -0.05
CA LEU A 56 1.83 7.46 0.82
C LEU A 56 2.57 7.50 2.13
N THR A 57 1.87 7.09 3.18
CA THR A 57 2.50 6.88 4.42
C THR A 57 2.03 5.70 5.14
N GLY A 58 2.82 5.05 6.05
CA GLY A 58 2.20 4.00 6.74
C GLY A 58 3.11 3.56 7.86
N ARG A 59 2.82 2.40 8.31
CA ARG A 59 3.58 1.75 9.45
C ARG A 59 3.87 0.26 9.25
N TYR A 60 4.88 -0.27 9.98
CA TYR A 60 5.13 -1.70 9.85
C TYR A 60 5.68 -2.10 11.18
N ASP A 61 5.61 -3.37 11.45
CA ASP A 61 6.17 -4.01 12.68
C ASP A 61 7.69 -4.14 12.50
N SER A 62 8.47 -3.29 13.18
CA SER A 62 9.97 -3.31 13.05
C SER A 62 10.66 -4.43 13.86
N ALA A 63 9.94 -5.16 14.68
CA ALA A 63 10.54 -6.32 15.37
C ALA A 63 9.53 -7.52 15.28
N PRO A 64 9.39 -8.15 14.07
CA PRO A 64 8.40 -9.26 13.91
C PRO A 64 8.79 -10.48 14.71
N ALA A 65 7.88 -11.45 14.76
CA ALA A 65 8.12 -12.76 15.42
C ALA A 65 9.17 -13.53 14.64
N THR A 66 9.94 -14.42 15.28
CA THR A 66 11.12 -15.02 14.57
C THR A 66 10.80 -16.46 14.22
N ASP A 67 9.54 -16.76 14.07
CA ASP A 67 9.06 -18.10 14.03
C ASP A 67 8.51 -18.40 12.61
N GLY A 68 8.91 -17.60 11.67
CA GLY A 68 8.48 -17.71 10.29
C GLY A 68 7.25 -16.95 9.95
N SER A 69 6.64 -16.28 10.89
CA SER A 69 5.56 -15.36 10.57
C SER A 69 5.97 -14.21 9.71
N GLY A 70 5.02 -13.70 8.92
CA GLY A 70 5.11 -12.50 8.19
C GLY A 70 5.23 -11.23 9.08
N THR A 71 5.48 -10.11 8.43
CA THR A 71 5.69 -8.74 9.09
C THR A 71 4.51 -7.88 8.80
N ALA A 72 3.68 -7.61 9.83
CA ALA A 72 2.47 -6.83 9.53
C ALA A 72 2.79 -5.41 9.19
N LEU A 73 2.00 -4.88 8.27
CA LEU A 73 2.18 -3.51 7.90
C LEU A 73 0.91 -2.96 7.21
N GLY A 74 0.85 -1.66 7.08
CA GLY A 74 -0.08 -0.99 6.28
C GLY A 74 0.26 0.36 5.81
N TRP A 75 -0.48 0.86 4.86
CA TRP A 75 -0.27 2.22 4.39
C TRP A 75 -1.51 2.82 3.72
N THR A 76 -1.52 4.16 3.64
CA THR A 76 -2.59 4.94 3.02
C THR A 76 -2.12 5.81 1.89
N VAL A 77 -2.96 5.89 0.90
CA VAL A 77 -2.87 6.88 -0.22
C VAL A 77 -4.20 7.63 -0.24
N ALA A 78 -4.12 8.98 -0.20
CA ALA A 78 -5.24 9.81 -0.58
C ALA A 78 -5.04 10.26 -2.03
N TRP A 79 -6.07 10.05 -2.85
CA TRP A 79 -5.96 10.18 -4.33
C TRP A 79 -6.07 11.58 -4.81
N LYS A 80 -5.25 12.44 -4.17
CA LYS A 80 -5.09 13.84 -4.59
C LYS A 80 -3.62 14.11 -4.82
N ASN A 81 -3.28 14.70 -5.96
CA ASN A 81 -1.91 15.15 -6.22
C ASN A 81 -1.99 16.37 -7.10
N ASN A 82 -0.90 16.82 -7.71
CA ASN A 82 -1.03 18.10 -8.50
C ASN A 82 -1.78 17.96 -9.71
N TYR A 83 -2.07 16.73 -10.17
CA TYR A 83 -2.76 16.54 -11.42
C TYR A 83 -4.27 16.21 -11.31
N ARG A 84 -4.63 15.47 -10.29
CA ARG A 84 -6.03 15.02 -10.08
C ARG A 84 -6.42 14.96 -8.66
N ASN A 85 -7.74 15.07 -8.44
CA ASN A 85 -8.25 14.77 -7.13
C ASN A 85 -9.48 13.82 -7.28
N ALA A 86 -9.31 12.55 -6.92
CA ALA A 86 -10.36 11.53 -7.04
C ALA A 86 -11.25 11.39 -5.76
N HIS A 87 -11.07 12.33 -4.81
CA HIS A 87 -11.89 12.40 -3.61
C HIS A 87 -12.10 11.00 -2.99
N SER A 88 -10.94 10.40 -2.71
CA SER A 88 -10.91 9.06 -2.19
C SER A 88 -9.61 8.75 -1.53
N ALA A 89 -9.61 7.69 -0.74
CA ALA A 89 -8.40 7.22 -0.06
C ALA A 89 -8.44 5.65 -0.05
N THR A 90 -7.29 5.00 -0.30
CA THR A 90 -7.13 3.56 -0.14
C THR A 90 -6.23 3.31 0.97
N THR A 91 -6.56 2.35 1.79
CA THR A 91 -5.65 1.75 2.76
C THR A 91 -5.38 0.29 2.47
N TRP A 92 -4.11 -0.10 2.44
CA TRP A 92 -3.72 -1.51 2.32
C TRP A 92 -3.23 -1.99 3.68
N SER A 93 -3.70 -3.12 4.08
CA SER A 93 -3.31 -3.82 5.31
C SER A 93 -2.79 -5.23 4.90
N GLY A 94 -1.67 -5.67 5.44
CA GLY A 94 -1.20 -6.96 5.01
C GLY A 94 0.08 -7.36 5.72
N GLN A 95 0.87 -8.21 5.04
CA GLN A 95 2.10 -8.65 5.60
C GLN A 95 3.17 -8.88 4.51
N TYR A 96 4.36 -8.45 4.88
CA TYR A 96 5.62 -8.71 4.12
C TYR A 96 6.12 -10.12 4.45
N VAL A 97 6.35 -10.90 3.42
CA VAL A 97 6.95 -12.26 3.55
C VAL A 97 8.27 -12.20 2.80
N GLY A 98 9.38 -12.49 3.49
CA GLY A 98 10.81 -12.34 2.89
C GLY A 98 11.26 -13.61 2.11
N GLY A 99 12.53 -13.73 1.67
CA GLY A 99 13.00 -15.04 1.12
C GLY A 99 12.94 -15.02 -0.38
N ALA A 100 13.34 -16.10 -1.03
CA ALA A 100 13.76 -16.00 -2.45
C ALA A 100 12.79 -15.25 -3.36
N GLU A 101 11.47 -15.38 -3.12
CA GLU A 101 10.52 -14.62 -3.84
C GLU A 101 9.70 -13.82 -2.79
N ALA A 102 10.30 -12.73 -2.26
CA ALA A 102 9.57 -11.80 -1.33
C ALA A 102 8.30 -11.25 -1.89
N ARG A 103 7.26 -11.11 -1.00
CA ARG A 103 5.95 -10.62 -1.44
C ARG A 103 5.45 -9.71 -0.33
N ILE A 104 4.63 -8.77 -0.72
CA ILE A 104 3.72 -8.10 0.24
C ILE A 104 2.26 -8.46 -0.15
N ASN A 105 1.63 -9.21 0.71
CA ASN A 105 0.24 -9.71 0.50
C ASN A 105 -0.67 -8.81 1.24
N THR A 106 -1.55 -8.13 0.48
CA THR A 106 -2.46 -7.17 1.07
C THR A 106 -3.97 -7.43 0.77
N GLN A 107 -4.77 -6.88 1.65
CA GLN A 107 -6.15 -6.55 1.38
C GLN A 107 -6.31 -5.02 1.56
N TRP A 108 -7.21 -4.42 0.79
CA TRP A 108 -7.32 -3.00 0.79
C TRP A 108 -8.81 -2.50 0.86
N LEU A 109 -9.01 -1.29 1.38
CA LEU A 109 -10.31 -0.62 1.47
C LEU A 109 -10.13 0.73 0.80
N LEU A 110 -10.90 0.97 -0.23
CA LEU A 110 -10.97 2.28 -0.91
C LEU A 110 -12.34 2.97 -0.56
N THR A 111 -12.28 4.09 0.16
CA THR A 111 -13.47 4.89 0.52
C THR A 111 -13.49 6.14 -0.36
N CYS A 112 -14.63 6.37 -1.01
CA CYS A 112 -14.88 7.61 -1.74
C CYS A 112 -15.57 8.61 -0.80
N GLY A 113 -15.32 9.90 -0.96
CA GLY A 113 -16.22 10.87 -0.28
C GLY A 113 -17.60 10.87 -0.89
N THR A 114 -18.63 10.64 -0.09
CA THR A 114 -20.00 10.53 -0.65
C THR A 114 -20.95 11.41 0.16
N THR A 115 -22.14 11.67 -0.40
CA THR A 115 -23.24 12.16 0.48
C THR A 115 -23.66 11.07 1.58
N GLU A 116 -24.33 11.48 2.69
CA GLU A 116 -24.72 10.57 3.77
C GLU A 116 -25.72 9.57 3.10
N ALA A 117 -26.55 9.98 2.12
CA ALA A 117 -27.48 9.06 1.41
C ALA A 117 -26.76 7.94 0.62
N ASN A 118 -25.57 8.21 0.09
CA ASN A 118 -24.86 7.20 -0.68
C ASN A 118 -23.72 6.54 0.10
N ALA A 119 -23.65 6.78 1.37
CA ALA A 119 -22.59 6.24 2.24
C ALA A 119 -22.53 4.70 2.11
N TRP A 120 -23.72 4.06 1.98
CA TRP A 120 -23.77 2.56 1.85
C TRP A 120 -22.86 1.99 0.72
N LYS A 121 -22.67 2.81 -0.34
CA LYS A 121 -21.84 2.47 -1.53
C LYS A 121 -20.55 3.23 -1.57
N SER A 122 -20.01 3.62 -0.41
CA SER A 122 -18.74 4.41 -0.36
C SER A 122 -17.44 3.59 -0.45
N THR A 123 -17.48 2.31 -0.11
CA THR A 123 -16.30 1.58 0.17
C THR A 123 -16.17 0.31 -0.71
N LEU A 124 -15.06 0.29 -1.51
CA LEU A 124 -14.60 -0.94 -2.23
C LEU A 124 -13.60 -1.72 -1.39
N VAL A 125 -13.60 -3.04 -1.56
CA VAL A 125 -12.66 -3.94 -0.93
C VAL A 125 -12.02 -4.79 -2.08
N GLY A 126 -10.70 -5.01 -1.95
CA GLY A 126 -9.95 -5.88 -2.84
C GLY A 126 -8.66 -6.41 -2.16
N HIS A 127 -7.82 -7.06 -3.00
CA HIS A 127 -6.62 -7.66 -2.55
C HIS A 127 -5.57 -7.48 -3.60
N ASP A 128 -4.42 -6.94 -3.18
CA ASP A 128 -3.22 -6.74 -4.05
C ASP A 128 -2.06 -7.57 -3.55
N THR A 129 -1.30 -8.23 -4.49
CA THR A 129 -0.07 -8.89 -4.18
C THR A 129 1.05 -8.21 -4.92
N PHE A 130 1.99 -7.76 -4.12
CA PHE A 130 3.22 -6.97 -4.53
C PHE A 130 4.46 -7.87 -4.58
N THR A 131 5.18 -7.69 -5.68
CA THR A 131 6.47 -8.42 -5.81
C THR A 131 7.54 -7.43 -6.19
N LYS A 132 8.80 -7.84 -6.01
CA LYS A 132 9.97 -7.05 -6.42
C LYS A 132 10.23 -7.07 -7.91
N VAL A 133 9.70 -8.08 -8.65
CA VAL A 133 9.80 -8.08 -10.08
C VAL A 133 8.45 -7.87 -10.90
N LYS A 134 8.55 -7.39 -12.17
CA LYS A 134 7.49 -7.29 -13.26
C LYS A 134 6.69 -6.02 -13.10
C1 CU6 B . -4.21 -0.52 -7.24
C2 CU6 B . -6.33 -0.94 -6.19
C3 CU6 B . -6.66 -0.31 -4.82
C4 CU6 B . -6.52 0.12 -7.37
C5 CU6 B . -7.09 1.46 -6.72
C6 CU6 B . -7.01 2.70 -7.56
C7 CU6 B . -7.71 3.97 -7.09
C8 CU6 B . -7.42 5.21 -7.96
C9 CU6 B . -8.28 6.34 -7.45
C11 CU6 B . -12.24 6.26 -7.11
C13 CU6 B . -14.75 7.28 -9.27
C14 CU6 B . -14.81 5.81 -9.62
C16 CU6 B . -16.21 3.97 -6.27
C17 CU6 B . -16.59 2.76 -6.75
C19 CU6 B . -15.74 3.45 -9.03
C20 CU6 B . -14.59 9.15 -7.82
C22 CU6 B . -16.41 9.60 -5.96
C25 CU6 B . -18.67 10.32 -5.29
C26 CU6 B . -17.30 10.66 -5.66
CU1 CU6 B . -15.37 6.69 -6.17
N6 CU6 B . -16.81 8.17 -5.86
C23 CU6 B . -18.18 7.91 -5.46
C24 CU6 B . -19.07 8.96 -5.21
C21 CU6 B . -14.94 9.81 -6.41
N4 CU6 B . -14.35 7.65 -7.86
N5 CU6 B . -15.62 4.96 -7.19
C18 CU6 B . -16.30 2.52 -8.10
C15 CU6 B . -15.39 4.75 -8.61
C12 CU6 B . -12.85 7.48 -7.75
N3 CU6 B . -10.83 6.35 -6.82
C10 CU6 B . -9.77 6.03 -7.62
O2 CU6 B . -10.09 5.58 -8.86
N2 CU6 B . -5.17 0.29 -7.85
S1 CU6 B . -6.34 1.43 -5.08
N1 CU6 B . -4.89 -1.20 -6.32
O1 CU6 B . -2.88 -0.49 -7.51
#